data_2MIY
#
_entry.id   2MIY
#
loop_
_entity.id
_entity.type
_entity.pdbx_description
1 polymer RNA_(59-MER)
2 non-polymer 7-DEAZA-7-AMINOMETHYL-GUANINE
#
_entity_poly.entity_id   1
_entity_poly.type   'polyribonucleotide'
_entity_poly.pdbx_seq_one_letter_code
;GCUUGGUGCUUAGCUUCUUUCACCAAGCAUAUUACACGCGGAUAACCGCCAAAGGAGAA
;
_entity_poly.pdbx_strand_id   A
#